data_1ZOQ
#
_entry.id   1ZOQ
#
_cell.length_a   81.694
_cell.length_b   81.694
_cell.length_c   242.096
_cell.angle_alpha   90.00
_cell.angle_beta   90.00
_cell.angle_gamma   120.00
#
_symmetry.space_group_name_H-M   'P 61'
#
loop_
_entity.id
_entity.type
_entity.pdbx_description
1 polymer 'Interferon regulatory factor 3'
2 polymer 'CREB-binding protein'
3 water water
#
loop_
_entity_poly.entity_id
_entity_poly.type
_entity_poly.pdbx_seq_one_letter_code
_entity_poly.pdbx_strand_id
1 'polypeptide(L)'
;LVPGEEWEFEVTAFYRGRQVFQQTISCPEGLRLVGSEVGDRTLPGWPVTLPDPGMSLTDRGVMSYVRHVLSCLGGGLALW
RAGQWLWAQRLGHCHTYWAVSEELLPNSGHGPDGEVPKDKEGGVFDLGPFIVDLITFTEGSGRSPRYALWFCVGESWPQD
QPWTKRLVMVKVVPTCLRALVEMARVGGASS
;
A,B
2 'polypeptide(L)' SALQDLLRTLKSPSSPQQQQQVLNILKSNPQLMAAFIKQRTAKYVAN C,D
#
# COMPACT_ATOMS: atom_id res chain seq x y z
N LEU A 1 19.30 -10.28 -2.69
CA LEU A 1 18.72 -11.54 -2.13
C LEU A 1 18.62 -11.43 -0.61
N VAL A 2 19.38 -10.49 -0.05
CA VAL A 2 19.42 -10.26 1.40
C VAL A 2 18.51 -9.13 1.87
N PRO A 3 17.64 -9.41 2.87
CA PRO A 3 16.70 -8.44 3.43
C PRO A 3 17.34 -7.29 4.22
N GLY A 4 16.74 -6.10 4.08
CA GLY A 4 17.23 -4.91 4.75
C GLY A 4 17.33 -3.78 3.74
N GLU A 5 17.13 -4.11 2.48
CA GLU A 5 17.20 -3.14 1.40
C GLU A 5 15.94 -3.17 0.55
N GLU A 6 14.79 -3.38 1.19
CA GLU A 6 13.53 -3.40 0.45
C GLU A 6 13.13 -1.94 0.30
N TRP A 7 12.72 -1.56 -0.91
CA TRP A 7 12.30 -0.18 -1.15
C TRP A 7 10.91 -0.12 -1.73
N GLU A 8 10.15 0.85 -1.25
CA GLU A 8 8.81 1.05 -1.76
C GLU A 8 8.94 1.98 -2.98
N PHE A 9 8.26 1.63 -4.07
CA PHE A 9 8.30 2.45 -5.28
C PHE A 9 6.90 2.90 -5.64
N GLU A 10 6.77 4.15 -6.07
CA GLU A 10 5.50 4.67 -6.53
C GLU A 10 5.63 4.61 -8.06
N VAL A 11 4.77 3.84 -8.72
CA VAL A 11 4.79 3.70 -10.18
C VAL A 11 3.66 4.48 -10.83
N THR A 12 4.01 5.38 -11.74
CA THR A 12 3.02 6.18 -12.45
C THR A 12 3.24 5.99 -13.94
N ALA A 13 2.19 5.56 -14.64
CA ALA A 13 2.28 5.34 -16.09
C ALA A 13 1.48 6.36 -16.89
N PHE A 14 2.02 6.77 -18.02
CA PHE A 14 1.34 7.74 -18.88
C PHE A 14 1.23 7.26 -20.32
N TYR A 15 0.00 7.19 -20.84
CA TYR A 15 -0.22 6.81 -22.23
C TYR A 15 -0.45 8.12 -22.97
N ARG A 16 0.52 8.48 -23.79
CA ARG A 16 0.48 9.72 -24.55
C ARG A 16 0.29 10.94 -23.64
N GLY A 17 1.14 11.05 -22.62
CA GLY A 17 1.07 12.17 -21.71
C GLY A 17 -0.12 12.16 -20.77
N ARG A 18 -0.92 11.10 -20.83
CA ARG A 18 -2.08 11.02 -19.95
C ARG A 18 -1.86 10.04 -18.81
N GLN A 19 -1.92 10.51 -17.57
CA GLN A 19 -1.73 9.61 -16.45
C GLN A 19 -2.88 8.64 -16.48
N VAL A 20 -2.56 7.35 -16.49
CA VAL A 20 -3.58 6.34 -16.56
C VAL A 20 -3.40 5.31 -15.46
N PHE A 21 -2.37 5.47 -14.65
CA PHE A 21 -2.09 4.48 -13.62
C PHE A 21 -1.12 4.98 -12.58
N GLN A 22 -1.33 4.54 -11.33
CA GLN A 22 -0.44 4.91 -10.24
C GLN A 22 -0.66 3.97 -9.08
N GLN A 23 0.40 3.28 -8.69
CA GLN A 23 0.35 2.34 -7.60
C GLN A 23 1.67 2.41 -6.82
N THR A 24 1.60 2.11 -5.53
CA THR A 24 2.77 2.14 -4.66
C THR A 24 2.94 0.75 -4.09
N ILE A 25 4.10 0.14 -4.33
CA ILE A 25 4.35 -1.21 -3.84
C ILE A 25 5.72 -1.32 -3.19
N SER A 26 5.77 -2.01 -2.06
CA SER A 26 7.02 -2.23 -1.34
C SER A 26 7.23 -3.74 -1.36
N CYS A 27 8.12 -4.21 -2.23
CA CYS A 27 8.39 -5.64 -2.37
C CYS A 27 9.86 -5.94 -2.21
N PRO A 28 10.20 -6.95 -1.40
CA PRO A 28 11.59 -7.36 -1.16
C PRO A 28 12.36 -7.77 -2.42
N GLU A 29 11.68 -8.31 -3.43
CA GLU A 29 12.33 -8.70 -4.68
C GLU A 29 12.24 -7.60 -5.76
N GLY A 30 11.91 -6.39 -5.36
CA GLY A 30 11.79 -5.33 -6.36
C GLY A 30 10.57 -5.61 -7.22
N LEU A 31 10.44 -4.95 -8.36
CA LEU A 31 9.27 -5.19 -9.18
C LEU A 31 9.48 -5.39 -10.69
N ARG A 32 8.39 -5.67 -11.40
CA ARG A 32 8.43 -5.89 -12.85
C ARG A 32 7.22 -5.28 -13.52
N LEU A 33 7.45 -4.38 -14.46
CA LEU A 33 6.34 -3.78 -15.16
C LEU A 33 5.96 -4.69 -16.33
N VAL A 34 4.82 -5.38 -16.20
CA VAL A 34 4.34 -6.27 -17.24
C VAL A 34 3.12 -5.63 -17.90
N GLY A 35 2.76 -6.13 -19.09
CA GLY A 35 1.62 -5.57 -19.77
C GLY A 35 0.54 -6.60 -20.01
N SER A 36 0.55 -7.67 -19.22
CA SER A 36 -0.45 -8.71 -19.42
C SER A 36 -0.91 -9.53 -18.22
N GLU A 37 -1.66 -10.58 -18.56
CA GLU A 37 -2.28 -11.56 -17.66
C GLU A 37 -1.72 -11.91 -16.29
N VAL A 38 -0.44 -11.66 -16.02
CA VAL A 38 0.14 -12.00 -14.71
C VAL A 38 0.13 -13.53 -14.53
N GLY A 39 1.03 -14.21 -15.24
CA GLY A 39 1.10 -15.65 -15.15
C GLY A 39 2.49 -16.19 -14.88
N ASP A 40 3.27 -16.42 -15.93
CA ASP A 40 4.63 -16.94 -15.80
C ASP A 40 5.31 -16.45 -14.52
N ARG A 41 5.28 -17.31 -13.49
CA ARG A 41 5.86 -17.01 -12.19
C ARG A 41 7.35 -17.29 -12.11
N THR A 42 7.88 -18.06 -13.05
CA THR A 42 9.31 -18.37 -13.02
C THR A 42 10.18 -17.11 -12.81
N LEU A 43 9.62 -15.94 -13.12
CA LEU A 43 10.36 -14.68 -12.95
C LEU A 43 10.23 -14.08 -11.56
N PRO A 44 11.32 -13.52 -11.02
CA PRO A 44 11.32 -12.91 -9.69
C PRO A 44 10.81 -11.45 -9.75
N GLY A 45 10.37 -10.95 -8.60
CA GLY A 45 9.87 -9.58 -8.55
C GLY A 45 8.36 -9.51 -8.66
N TRP A 46 7.78 -8.55 -7.97
CA TRP A 46 6.34 -8.37 -7.96
C TRP A 46 5.88 -7.75 -9.28
N PRO A 47 5.02 -8.46 -10.01
CA PRO A 47 4.49 -7.99 -11.29
C PRO A 47 3.46 -6.86 -11.11
N VAL A 48 3.70 -5.76 -11.81
CA VAL A 48 2.81 -4.60 -11.77
C VAL A 48 2.29 -4.48 -13.19
N THR A 49 1.00 -4.73 -13.37
CA THR A 49 0.38 -4.68 -14.68
C THR A 49 -0.07 -3.32 -15.15
N LEU A 50 0.44 -2.86 -16.29
CA LEU A 50 0.03 -1.58 -16.84
C LEU A 50 -1.37 -1.81 -17.42
N PRO A 51 -2.28 -0.87 -17.20
CA PRO A 51 -3.64 -1.01 -17.72
C PRO A 51 -3.80 -0.94 -19.23
N ASP A 52 -4.83 -1.62 -19.71
CA ASP A 52 -5.20 -1.63 -21.12
C ASP A 52 -5.65 -0.20 -21.40
N PRO A 53 -5.13 0.40 -22.48
CA PRO A 53 -5.48 1.78 -22.84
C PRO A 53 -6.95 2.07 -23.10
N GLY A 54 -7.78 1.03 -23.16
CA GLY A 54 -9.20 1.22 -23.44
C GLY A 54 -10.01 1.90 -22.35
N MET A 55 -9.75 1.54 -21.09
CA MET A 55 -10.50 2.10 -19.98
C MET A 55 -10.16 3.52 -19.52
N SER A 56 -9.33 4.21 -20.28
CA SER A 56 -8.96 5.60 -19.94
C SER A 56 -8.93 6.44 -21.19
N LEU A 57 -8.25 5.92 -22.21
CA LEU A 57 -8.14 6.61 -23.49
C LEU A 57 -9.43 6.49 -24.28
N THR A 58 -9.68 7.48 -25.14
CA THR A 58 -10.87 7.48 -25.97
C THR A 58 -10.44 7.23 -27.41
N ASP A 59 -9.32 7.84 -27.78
CA ASP A 59 -8.77 7.67 -29.12
C ASP A 59 -8.55 6.18 -29.38
N ARG A 60 -9.07 5.67 -30.48
CA ARG A 60 -8.93 4.25 -30.79
C ARG A 60 -7.67 3.89 -31.56
N GLY A 61 -7.08 4.88 -32.23
CA GLY A 61 -5.87 4.64 -32.98
C GLY A 61 -4.72 4.50 -32.00
N VAL A 62 -4.73 5.33 -30.96
CA VAL A 62 -3.70 5.30 -29.93
C VAL A 62 -3.82 4.04 -29.08
N MET A 63 -5.04 3.60 -28.81
CA MET A 63 -5.24 2.39 -28.02
C MET A 63 -4.53 1.25 -28.74
N SER A 64 -4.55 1.33 -30.07
CA SER A 64 -3.94 0.33 -30.93
C SER A 64 -2.43 0.16 -30.67
N TYR A 65 -1.67 1.24 -30.84
CA TYR A 65 -0.24 1.21 -30.63
C TYR A 65 0.14 0.84 -29.20
N VAL A 66 -0.48 1.48 -28.21
CA VAL A 66 -0.19 1.18 -26.82
C VAL A 66 -0.40 -0.30 -26.56
N ARG A 67 -1.49 -0.86 -27.09
CA ARG A 67 -1.78 -2.28 -26.90
C ARG A 67 -0.67 -3.16 -27.47
N HIS A 68 -0.09 -2.73 -28.59
CA HIS A 68 0.98 -3.50 -29.19
C HIS A 68 2.21 -3.39 -28.29
N VAL A 69 2.55 -2.19 -27.87
CA VAL A 69 3.69 -1.98 -26.99
C VAL A 69 3.52 -2.86 -25.76
N LEU A 70 2.41 -2.69 -25.03
CA LEU A 70 2.19 -3.47 -23.82
C LEU A 70 2.29 -4.97 -24.03
N SER A 71 1.98 -5.40 -25.25
CA SER A 71 2.01 -6.81 -25.59
C SER A 71 3.44 -7.33 -25.80
N CYS A 72 4.34 -6.47 -26.25
CA CYS A 72 5.73 -6.85 -26.47
C CYS A 72 6.56 -6.78 -25.18
N LEU A 73 5.91 -6.46 -24.06
CA LEU A 73 6.61 -6.35 -22.78
C LEU A 73 7.12 -7.68 -22.22
N GLY A 74 6.46 -8.76 -22.59
CA GLY A 74 6.86 -10.07 -22.13
C GLY A 74 7.24 -10.09 -20.66
N GLY A 75 8.44 -10.56 -20.35
CA GLY A 75 8.90 -10.60 -18.98
C GLY A 75 8.76 -9.26 -18.28
N GLY A 76 8.84 -8.19 -19.04
CA GLY A 76 8.69 -6.88 -18.44
C GLY A 76 9.95 -6.07 -18.26
N LEU A 77 9.85 -5.12 -17.34
CA LEU A 77 10.95 -4.24 -17.01
C LEU A 77 11.15 -4.45 -15.52
N ALA A 78 12.26 -5.11 -15.17
CA ALA A 78 12.58 -5.38 -13.77
C ALA A 78 13.38 -4.25 -13.17
N LEU A 79 13.09 -3.95 -11.91
CA LEU A 79 13.76 -2.90 -11.17
C LEU A 79 13.86 -3.36 -9.73
N TRP A 80 15.05 -3.24 -9.16
CA TRP A 80 15.24 -3.65 -7.77
C TRP A 80 16.50 -3.05 -7.17
N ARG A 81 16.57 -3.05 -5.84
CA ARG A 81 17.74 -2.52 -5.16
C ARG A 81 18.66 -3.65 -4.69
N ALA A 82 19.96 -3.38 -4.70
CA ALA A 82 20.96 -4.34 -4.23
C ALA A 82 22.22 -3.55 -3.94
N GLY A 83 22.52 -3.37 -2.66
CA GLY A 83 23.69 -2.61 -2.29
C GLY A 83 23.31 -1.13 -2.36
N GLN A 84 24.19 -0.31 -2.94
CA GLN A 84 23.95 1.12 -3.05
C GLN A 84 23.33 1.49 -4.39
N TRP A 85 23.00 0.47 -5.18
CA TRP A 85 22.44 0.70 -6.50
C TRP A 85 21.04 0.20 -6.76
N LEU A 86 20.40 0.86 -7.71
CA LEU A 86 19.09 0.48 -8.16
C LEU A 86 19.45 -0.23 -9.48
N TRP A 87 18.88 -1.41 -9.70
CA TRP A 87 19.14 -2.18 -10.91
C TRP A 87 17.89 -2.34 -11.78
N ALA A 88 18.08 -2.34 -13.09
CA ALA A 88 17.00 -2.49 -14.05
C ALA A 88 17.43 -3.46 -15.13
N GLN A 89 16.47 -4.18 -15.71
CA GLN A 89 16.78 -5.12 -16.78
C GLN A 89 15.53 -5.30 -17.63
N ARG A 90 15.73 -5.32 -18.94
CA ARG A 90 14.62 -5.48 -19.88
C ARG A 90 14.47 -6.96 -20.25
N LEU A 91 13.29 -7.51 -20.04
CA LEU A 91 13.05 -8.93 -20.32
C LEU A 91 12.14 -9.24 -21.51
N GLY A 92 11.74 -8.23 -22.28
CA GLY A 92 10.87 -8.44 -23.42
C GLY A 92 11.42 -7.98 -24.76
N HIS A 93 10.54 -7.53 -25.65
CA HIS A 93 10.99 -7.12 -26.99
C HIS A 93 11.06 -5.63 -27.24
N CYS A 94 10.64 -4.83 -26.26
CA CYS A 94 10.67 -3.39 -26.44
C CYS A 94 11.88 -2.73 -25.80
N HIS A 95 12.59 -1.96 -26.60
CA HIS A 95 13.74 -1.22 -26.08
C HIS A 95 13.15 -0.23 -25.09
N THR A 96 13.88 0.01 -24.01
CA THR A 96 13.46 0.92 -22.96
C THR A 96 14.62 1.83 -22.64
N TYR A 97 14.36 3.12 -22.56
CA TYR A 97 15.39 4.10 -22.23
C TYR A 97 15.03 4.76 -20.90
N TRP A 98 16.04 5.10 -20.11
CA TRP A 98 15.81 5.69 -18.80
C TRP A 98 16.63 6.95 -18.57
N ALA A 99 16.22 7.73 -17.60
CA ALA A 99 16.92 8.95 -17.22
C ALA A 99 16.46 9.31 -15.83
N VAL A 100 17.37 9.83 -15.02
CA VAL A 100 17.01 10.26 -13.67
C VAL A 100 16.68 11.73 -13.80
N SER A 101 15.51 12.14 -13.31
CA SER A 101 15.12 13.53 -13.44
C SER A 101 14.28 14.03 -12.28
N GLU A 102 13.60 15.16 -12.49
CA GLU A 102 12.72 15.73 -11.47
C GLU A 102 11.40 14.96 -11.46
N GLU A 103 10.58 15.21 -10.44
CA GLU A 103 9.29 14.52 -10.33
C GLU A 103 8.51 14.77 -11.61
N LEU A 104 8.74 15.93 -12.21
CA LEU A 104 8.06 16.29 -13.44
C LEU A 104 9.13 16.42 -14.52
N LEU A 105 9.18 15.44 -15.42
CA LEU A 105 10.15 15.42 -16.51
C LEU A 105 10.07 16.68 -17.38
N PRO A 106 11.21 17.36 -17.58
CA PRO A 106 11.25 18.58 -18.40
C PRO A 106 11.59 18.24 -19.85
N ASN A 107 11.04 19.00 -20.79
CA ASN A 107 11.32 18.75 -22.21
C ASN A 107 12.65 19.38 -22.64
N SER A 108 13.63 19.32 -21.75
CA SER A 108 14.96 19.85 -22.02
C SER A 108 15.71 18.80 -22.83
N GLY A 109 15.22 18.55 -24.04
CA GLY A 109 15.82 17.57 -24.92
C GLY A 109 17.32 17.43 -24.73
N HIS A 110 17.72 16.40 -24.00
CA HIS A 110 19.14 16.17 -23.73
C HIS A 110 19.55 14.72 -23.96
N GLY A 111 18.57 13.86 -24.22
CA GLY A 111 18.87 12.46 -24.45
C GLY A 111 18.81 11.67 -23.17
N PRO A 112 18.69 10.34 -23.27
CA PRO A 112 18.61 9.43 -22.11
C PRO A 112 19.94 9.19 -21.41
N ASP A 113 19.88 8.77 -20.16
CA ASP A 113 21.08 8.47 -19.41
C ASP A 113 21.60 7.15 -19.94
N GLY A 114 20.73 6.37 -20.58
CA GLY A 114 21.15 5.10 -21.13
C GLY A 114 19.99 4.21 -21.55
N GLU A 115 20.30 2.96 -21.88
CA GLU A 115 19.26 2.00 -22.28
C GLU A 115 19.33 0.83 -21.31
N VAL A 116 18.17 0.34 -20.90
CA VAL A 116 18.11 -0.78 -19.99
C VAL A 116 18.60 -2.01 -20.74
N PRO A 117 19.63 -2.68 -20.21
CA PRO A 117 20.21 -3.88 -20.84
C PRO A 117 19.26 -5.06 -20.76
N LYS A 118 19.37 -5.98 -21.72
CA LYS A 118 18.51 -7.15 -21.74
C LYS A 118 19.22 -8.41 -21.29
N ASP A 119 20.51 -8.51 -21.56
CA ASP A 119 21.28 -9.70 -21.19
C ASP A 119 21.66 -9.78 -19.71
N LYS A 120 21.99 -8.65 -19.12
CA LYS A 120 22.35 -8.60 -17.71
C LYS A 120 21.83 -7.27 -17.18
N GLU A 121 21.54 -7.22 -15.88
CA GLU A 121 21.03 -6.00 -15.29
C GLU A 121 22.04 -4.86 -15.40
N GLY A 122 21.54 -3.63 -15.29
CA GLY A 122 22.41 -2.47 -15.36
C GLY A 122 22.03 -1.52 -14.25
N GLY A 123 23.00 -0.80 -13.69
CA GLY A 123 22.71 0.15 -12.63
C GLY A 123 22.12 1.43 -13.19
N VAL A 124 21.01 1.90 -12.59
CA VAL A 124 20.36 3.12 -13.07
C VAL A 124 20.31 4.23 -12.04
N PHE A 125 20.69 3.92 -10.81
CA PHE A 125 20.69 4.91 -9.73
C PHE A 125 21.64 4.54 -8.59
N ASP A 126 22.51 5.47 -8.23
CA ASP A 126 23.50 5.27 -7.17
C ASP A 126 23.13 6.10 -5.93
N LEU A 127 22.82 5.42 -4.82
CA LEU A 127 22.46 6.11 -3.57
C LEU A 127 23.61 6.93 -2.96
N GLY A 128 24.86 6.51 -3.23
CA GLY A 128 26.00 7.23 -2.70
C GLY A 128 26.03 8.69 -3.06
N PRO A 129 26.09 9.02 -4.37
CA PRO A 129 26.11 10.42 -4.77
C PRO A 129 24.87 11.20 -4.27
N PHE A 130 23.72 10.51 -4.22
CA PHE A 130 22.47 11.12 -3.77
C PHE A 130 22.57 11.66 -2.35
N ILE A 131 23.14 10.87 -1.44
CA ILE A 131 23.27 11.29 -0.05
C ILE A 131 24.32 12.40 0.11
N VAL A 132 25.39 12.32 -0.67
CA VAL A 132 26.43 13.33 -0.64
C VAL A 132 25.80 14.69 -0.97
N ASP A 133 24.98 14.73 -2.01
CA ASP A 133 24.34 15.98 -2.42
C ASP A 133 23.13 16.36 -1.57
N LEU A 134 22.55 15.39 -0.86
CA LEU A 134 21.42 15.68 0.00
C LEU A 134 22.00 16.45 1.19
N ILE A 135 23.18 16.01 1.64
CA ILE A 135 23.81 16.68 2.77
C ILE A 135 24.21 18.13 2.44
N THR A 136 24.81 18.38 1.26
CA THR A 136 25.19 19.76 0.90
C THR A 136 23.94 20.61 0.64
N PHE A 137 22.85 19.95 0.27
CA PHE A 137 21.61 20.65 0.02
C PHE A 137 21.11 21.24 1.34
N THR A 138 21.21 20.46 2.41
CA THR A 138 20.80 20.92 3.73
C THR A 138 21.73 22.05 4.19
N GLU A 139 22.96 22.06 3.67
CA GLU A 139 23.93 23.09 4.02
C GLU A 139 23.68 24.39 3.28
N GLY A 140 23.03 24.31 2.12
CA GLY A 140 22.73 25.51 1.36
C GLY A 140 23.18 25.55 -0.11
N SER A 141 23.60 24.41 -0.65
CA SER A 141 24.04 24.36 -2.06
C SER A 141 22.94 24.83 -3.00
N GLY A 142 21.69 24.82 -2.52
CA GLY A 142 20.57 25.24 -3.34
C GLY A 142 20.20 24.30 -4.47
N ARG A 143 20.76 23.10 -4.49
CA ARG A 143 20.45 22.14 -5.55
C ARG A 143 19.91 20.81 -4.99
N SER A 144 18.60 20.63 -5.12
CA SER A 144 17.93 19.43 -4.65
C SER A 144 18.34 18.25 -5.51
N PRO A 145 18.76 17.13 -4.88
CA PRO A 145 19.17 15.93 -5.61
C PRO A 145 18.01 15.16 -6.25
N ARG A 146 18.18 14.73 -7.50
CA ARG A 146 17.14 14.00 -8.22
C ARG A 146 17.04 12.52 -7.84
N TYR A 147 15.82 12.00 -7.83
CA TYR A 147 15.57 10.62 -7.45
C TYR A 147 14.48 9.94 -8.29
N ALA A 148 13.88 10.67 -9.22
CA ALA A 148 12.82 10.09 -10.06
C ALA A 148 13.35 9.44 -11.33
N LEU A 149 12.99 8.18 -11.53
CA LEU A 149 13.39 7.41 -12.71
C LEU A 149 12.31 7.45 -13.76
N TRP A 150 12.67 7.82 -14.97
CA TRP A 150 11.72 7.88 -16.06
C TRP A 150 12.11 6.90 -17.15
N PHE A 151 11.13 6.10 -17.58
CA PHE A 151 11.35 5.11 -18.62
C PHE A 151 10.50 5.33 -19.87
N CYS A 152 11.13 5.33 -21.04
CA CYS A 152 10.40 5.44 -22.30
C CYS A 152 10.36 3.98 -22.80
N VAL A 153 9.15 3.44 -22.86
CA VAL A 153 8.93 2.05 -23.25
C VAL A 153 8.43 1.86 -24.69
N GLY A 154 9.22 1.16 -25.50
CA GLY A 154 8.84 0.86 -26.87
C GLY A 154 9.27 1.81 -27.98
N GLU A 155 9.76 2.98 -27.62
CA GLU A 155 10.20 3.96 -28.61
C GLU A 155 11.50 4.57 -28.16
N SER A 156 12.19 5.24 -29.08
CA SER A 156 13.44 5.89 -28.74
C SER A 156 13.11 6.96 -27.68
N TRP A 157 14.13 7.45 -26.98
CA TRP A 157 13.91 8.49 -25.98
C TRP A 157 13.49 9.80 -26.67
N PRO A 158 12.45 10.47 -26.14
CA PRO A 158 11.93 11.73 -26.70
C PRO A 158 12.92 12.88 -26.51
N GLN A 159 13.89 12.96 -27.40
CA GLN A 159 14.90 14.01 -27.31
C GLN A 159 14.43 15.34 -27.87
N ASP A 160 14.14 15.37 -29.17
CA ASP A 160 13.70 16.61 -29.81
C ASP A 160 12.20 16.87 -29.68
N GLN A 161 11.48 15.96 -29.01
CA GLN A 161 10.04 16.12 -28.85
C GLN A 161 9.54 15.98 -27.42
N PRO A 162 8.29 16.43 -27.17
CA PRO A 162 7.66 16.37 -25.85
C PRO A 162 7.30 14.94 -25.47
N TRP A 163 7.79 14.49 -24.32
CA TRP A 163 7.54 13.13 -23.85
C TRP A 163 6.06 12.77 -23.84
N THR A 164 5.21 13.79 -23.80
CA THR A 164 3.76 13.58 -23.77
C THR A 164 3.23 13.02 -25.10
N LYS A 165 4.10 12.93 -26.10
CA LYS A 165 3.71 12.38 -27.40
C LYS A 165 4.19 10.94 -27.52
N ARG A 166 4.79 10.41 -26.45
CA ARG A 166 5.29 9.05 -26.44
C ARG A 166 4.15 8.12 -26.00
N LEU A 167 4.07 6.94 -26.60
CA LEU A 167 3.01 6.00 -26.28
C LEU A 167 3.01 5.56 -24.82
N VAL A 168 4.17 5.14 -24.30
CA VAL A 168 4.25 4.69 -22.90
C VAL A 168 5.45 5.21 -22.11
N MET A 169 5.18 6.13 -21.18
CA MET A 169 6.21 6.70 -20.30
C MET A 169 5.92 6.24 -18.88
N VAL A 170 6.94 5.75 -18.19
CA VAL A 170 6.74 5.32 -16.81
C VAL A 170 7.68 6.09 -15.88
N LYS A 171 7.10 6.55 -14.78
CA LYS A 171 7.84 7.29 -13.77
C LYS A 171 7.88 6.43 -12.53
N VAL A 172 9.08 6.19 -12.01
CA VAL A 172 9.27 5.37 -10.83
C VAL A 172 9.97 6.17 -9.75
N VAL A 173 9.39 6.22 -8.56
CA VAL A 173 9.98 6.95 -7.47
C VAL A 173 10.17 6.17 -6.18
N PRO A 174 11.41 6.14 -5.63
CA PRO A 174 11.71 5.43 -4.37
C PRO A 174 11.17 6.42 -3.30
N THR A 175 10.02 6.13 -2.71
CA THR A 175 9.41 7.05 -1.75
C THR A 175 10.22 7.47 -0.54
N CYS A 176 11.15 6.64 -0.08
CA CYS A 176 11.97 7.06 1.06
C CYS A 176 12.90 8.21 0.60
N LEU A 177 13.39 8.16 -0.65
CA LEU A 177 14.26 9.21 -1.13
C LEU A 177 13.46 10.50 -1.29
N ARG A 178 12.22 10.38 -1.76
CA ARG A 178 11.38 11.55 -1.90
C ARG A 178 11.22 12.18 -0.52
N ALA A 179 10.96 11.35 0.49
CA ALA A 179 10.77 11.84 1.85
C ALA A 179 12.02 12.54 2.41
N LEU A 180 13.20 11.94 2.21
CA LEU A 180 14.44 12.52 2.70
C LEU A 180 14.63 13.92 2.11
N VAL A 181 14.34 14.06 0.82
CA VAL A 181 14.48 15.37 0.18
C VAL A 181 13.46 16.37 0.75
N GLU A 182 12.25 15.92 1.02
CA GLU A 182 11.22 16.81 1.58
C GLU A 182 11.58 17.27 3.00
N MET A 183 12.18 16.39 3.78
CA MET A 183 12.55 16.74 5.15
C MET A 183 13.70 17.75 5.10
N ALA A 184 14.59 17.63 4.11
CA ALA A 184 15.70 18.57 4.01
C ALA A 184 15.16 19.92 3.61
N ARG A 185 14.10 19.90 2.80
CA ARG A 185 13.50 21.13 2.32
C ARG A 185 12.72 21.85 3.43
N VAL A 186 11.93 21.07 4.17
CA VAL A 186 11.14 21.61 5.28
C VAL A 186 12.06 22.03 6.43
N GLY A 187 13.24 21.41 6.50
CA GLY A 187 14.18 21.73 7.54
C GLY A 187 14.80 23.10 7.35
N GLY A 188 14.52 23.71 6.19
CA GLY A 188 15.04 25.02 5.88
C GLY A 188 15.91 25.14 4.64
N ALA A 189 15.72 24.27 3.66
CA ALA A 189 16.53 24.33 2.45
C ALA A 189 15.72 24.68 1.20
N SER A 190 16.26 25.55 0.37
CA SER A 190 15.59 25.96 -0.86
C SER A 190 16.48 25.72 -2.08
N SER A 191 15.87 25.70 -3.26
CA SER A 191 16.60 25.48 -4.50
C SER A 191 17.04 26.78 -5.16
N SER B 1 12.87 10.34 19.51
CA SER B 1 12.30 11.72 19.55
C SER B 1 12.97 12.64 18.54
N ALA B 2 14.24 12.35 18.20
CA ALA B 2 14.96 13.14 17.20
C ALA B 2 14.45 12.64 15.85
N LEU B 3 14.24 11.33 15.74
CA LEU B 3 13.72 10.72 14.51
C LEU B 3 12.24 11.10 14.35
N GLN B 4 11.53 11.15 15.46
CA GLN B 4 10.11 11.51 15.45
C GLN B 4 9.87 12.92 14.93
N ASP B 5 10.72 13.87 15.35
CA ASP B 5 10.56 15.25 14.89
C ASP B 5 10.84 15.37 13.40
N LEU B 6 11.71 14.49 12.89
CA LEU B 6 12.04 14.50 11.47
C LEU B 6 10.86 13.96 10.67
N LEU B 7 10.32 12.83 11.12
CA LEU B 7 9.18 12.21 10.44
C LEU B 7 7.96 13.12 10.54
N ARG B 8 7.78 13.75 11.69
CA ARG B 8 6.67 14.67 11.92
C ARG B 8 6.66 15.69 10.79
N THR B 9 7.86 16.07 10.38
CA THR B 9 8.08 17.03 9.32
C THR B 9 7.40 16.62 8.01
N LEU B 10 7.07 15.34 7.90
CA LEU B 10 6.40 14.83 6.71
C LEU B 10 5.02 15.48 6.59
N LYS B 11 4.97 16.60 5.88
CA LYS B 11 3.71 17.32 5.67
C LYS B 11 3.03 16.73 4.44
N SER B 12 3.37 15.49 4.15
CA SER B 12 2.82 14.77 3.01
C SER B 12 2.40 13.37 3.45
N PRO B 13 1.54 12.71 2.67
CA PRO B 13 1.10 11.37 3.04
C PRO B 13 2.22 10.33 2.84
N SER B 14 2.07 9.16 3.48
CA SER B 14 3.06 8.10 3.38
C SER B 14 2.54 6.71 3.72
N SER B 15 3.40 5.91 4.34
CA SER B 15 3.03 4.55 4.74
C SER B 15 4.03 4.00 5.75
N PRO B 16 3.68 2.93 6.45
CA PRO B 16 4.61 2.37 7.43
C PRO B 16 5.92 1.90 6.78
N GLN B 17 5.84 1.40 5.55
CA GLN B 17 7.03 0.91 4.84
C GLN B 17 8.01 2.01 4.46
N GLN B 18 7.50 3.13 3.96
CA GLN B 18 8.36 4.24 3.57
C GLN B 18 9.09 4.79 4.80
N GLN B 19 8.35 4.88 5.91
CA GLN B 19 8.92 5.39 7.14
C GLN B 19 10.04 4.52 7.68
N GLN B 20 9.89 3.20 7.57
CA GLN B 20 10.93 2.30 8.06
C GLN B 20 12.20 2.40 7.21
N GLN B 21 12.01 2.57 5.91
CA GLN B 21 13.11 2.67 4.97
C GLN B 21 13.87 3.99 5.14
N VAL B 22 13.19 5.04 5.59
CA VAL B 22 13.85 6.31 5.84
C VAL B 22 14.73 6.16 7.08
N LEU B 23 14.20 5.51 8.11
CA LEU B 23 14.97 5.30 9.33
C LEU B 23 16.18 4.41 9.03
N ASN B 24 16.02 3.50 8.08
CA ASN B 24 17.13 2.61 7.70
C ASN B 24 18.25 3.39 6.99
N ILE B 25 17.90 4.29 6.07
CA ILE B 25 18.95 5.05 5.40
C ILE B 25 19.66 5.90 6.43
N LEU B 26 18.91 6.45 7.39
CA LEU B 26 19.51 7.28 8.43
C LEU B 26 20.42 6.49 9.37
N LYS B 27 20.02 5.28 9.72
CA LYS B 27 20.83 4.47 10.62
C LYS B 27 22.17 4.07 9.97
N SER B 28 22.17 3.87 8.65
CA SER B 28 23.39 3.50 7.94
C SER B 28 24.20 4.66 7.37
N ASN B 29 23.75 5.89 7.63
CA ASN B 29 24.42 7.10 7.16
C ASN B 29 24.44 8.16 8.27
N PRO B 30 25.07 7.83 9.41
CA PRO B 30 25.13 8.78 10.53
C PRO B 30 25.54 10.20 10.16
N GLN B 31 26.35 10.37 9.12
CA GLN B 31 26.75 11.72 8.72
C GLN B 31 25.55 12.48 8.16
N LEU B 32 24.54 11.75 7.67
CA LEU B 32 23.34 12.40 7.12
C LEU B 32 22.48 12.87 8.29
N MET B 33 22.34 12.02 9.30
CA MET B 33 21.58 12.34 10.51
C MET B 33 22.22 13.54 11.21
N ALA B 34 23.54 13.66 11.10
CA ALA B 34 24.28 14.77 11.71
C ALA B 34 23.95 16.08 10.99
N ALA B 35 23.75 16.02 9.68
CA ALA B 35 23.43 17.21 8.89
C ALA B 35 22.02 17.70 9.25
N PHE B 36 21.07 16.78 9.37
CA PHE B 36 19.71 17.17 9.72
C PHE B 36 19.70 17.80 11.12
N ILE B 37 20.52 17.28 12.02
CA ILE B 37 20.58 17.82 13.37
C ILE B 37 21.25 19.19 13.37
N LYS B 38 22.26 19.37 12.53
CA LYS B 38 22.95 20.64 12.43
C LYS B 38 22.13 21.69 11.69
N GLN B 39 21.36 21.27 10.68
CA GLN B 39 20.52 22.20 9.90
C GLN B 39 19.37 22.77 10.74
N ARG B 40 18.92 21.97 11.69
CA ARG B 40 17.82 22.33 12.57
C ARG B 40 18.09 23.65 13.31
N THR B 41 19.35 23.94 13.55
CA THR B 41 19.71 25.17 14.26
C THR B 41 20.78 26.01 13.57
N ALA B 42 21.02 25.74 12.29
CA ALA B 42 22.02 26.46 11.53
C ALA B 42 21.64 27.91 11.28
N LYS B 43 20.34 28.18 11.18
CA LYS B 43 19.87 29.54 10.93
C LYS B 43 20.17 30.49 12.08
N TYR B 44 20.85 31.60 11.77
CA TYR B 44 21.19 32.61 12.76
C TYR B 44 21.23 33.99 12.09
N VAL B 45 20.99 35.05 12.86
CA VAL B 45 21.01 36.40 12.32
C VAL B 45 22.44 36.95 12.20
N ALA B 46 22.93 37.07 10.97
CA ALA B 46 24.28 37.57 10.70
C ALA B 46 24.34 39.08 10.48
N ASN B 47 25.48 39.55 10.00
CA ASN B 47 25.70 40.98 9.74
C ASN B 47 25.16 41.86 10.85
N LEU C 1 3.46 -8.22 20.50
CA LEU C 1 4.78 -7.52 20.42
C LEU C 1 5.79 -8.35 19.63
N VAL C 2 5.39 -9.55 19.24
CA VAL C 2 6.26 -10.46 18.49
C VAL C 2 6.16 -10.28 16.97
N PRO C 3 7.31 -10.29 16.26
CA PRO C 3 7.34 -10.14 14.80
C PRO C 3 6.77 -11.36 14.08
N GLY C 4 5.99 -11.12 13.03
CA GLY C 4 5.39 -12.21 12.28
C GLY C 4 3.89 -12.24 12.50
N GLU C 5 3.36 -11.19 13.14
CA GLU C 5 1.93 -11.10 13.39
C GLU C 5 1.39 -9.79 12.83
N GLU C 6 2.18 -9.15 11.97
CA GLU C 6 1.77 -7.90 11.35
C GLU C 6 0.68 -8.27 10.33
N TRP C 7 -0.46 -7.60 10.40
CA TRP C 7 -1.55 -7.86 9.47
C TRP C 7 -1.89 -6.60 8.71
N GLU C 8 -2.18 -6.76 7.42
CA GLU C 8 -2.57 -5.63 6.60
C GLU C 8 -4.07 -5.50 6.74
N PHE C 9 -4.57 -4.28 6.85
CA PHE C 9 -6.01 -4.06 6.97
C PHE C 9 -6.50 -3.13 5.88
N GLU C 10 -7.66 -3.45 5.32
CA GLU C 10 -8.30 -2.59 4.34
C GLU C 10 -9.37 -1.86 5.16
N VAL C 11 -9.23 -0.54 5.29
CA VAL C 11 -10.18 0.29 6.04
C VAL C 11 -11.10 1.04 5.09
N THR C 12 -12.41 0.83 5.23
CA THR C 12 -13.39 1.52 4.40
C THR C 12 -14.32 2.31 5.31
N ALA C 13 -14.46 3.62 5.04
CA ALA C 13 -15.33 4.47 5.85
C ALA C 13 -16.59 4.89 5.09
N PHE C 14 -17.69 4.98 5.82
CA PHE C 14 -18.94 5.39 5.22
C PHE C 14 -19.59 6.47 6.07
N TYR C 15 -20.04 7.54 5.41
CA TYR C 15 -20.75 8.61 6.11
C TYR C 15 -22.17 8.56 5.63
N ARG C 16 -23.08 8.21 6.54
CA ARG C 16 -24.49 8.12 6.20
C ARG C 16 -24.70 7.24 4.97
N GLY C 17 -24.07 6.06 4.96
CA GLY C 17 -24.24 5.13 3.84
C GLY C 17 -23.38 5.35 2.61
N ARG C 18 -22.72 6.50 2.51
CA ARG C 18 -21.89 6.77 1.34
C ARG C 18 -20.40 6.51 1.60
N GLN C 19 -19.79 5.66 0.78
CA GLN C 19 -18.37 5.38 0.95
C GLN C 19 -17.64 6.66 0.61
N VAL C 20 -16.74 7.07 1.49
CA VAL C 20 -16.01 8.32 1.29
C VAL C 20 -14.52 8.12 1.52
N PHE C 21 -14.13 6.89 1.88
CA PHE C 21 -12.74 6.63 2.18
C PHE C 21 -12.42 5.14 2.15
N GLN C 22 -11.24 4.80 1.65
CA GLN C 22 -10.80 3.42 1.62
C GLN C 22 -9.30 3.39 1.44
N GLN C 23 -8.62 2.78 2.38
CA GLN C 23 -7.17 2.67 2.35
C GLN C 23 -6.77 1.31 2.90
N THR C 24 -5.60 0.82 2.48
CA THR C 24 -5.07 -0.46 2.91
C THR C 24 -3.70 -0.19 3.50
N ILE C 25 -3.50 -0.53 4.78
CA ILE C 25 -2.23 -0.30 5.45
C ILE C 25 -1.77 -1.52 6.21
N SER C 26 -0.48 -1.81 6.09
CA SER C 26 0.09 -2.95 6.79
C SER C 26 1.10 -2.40 7.78
N CYS C 27 0.69 -2.24 9.02
CA CYS C 27 1.56 -1.70 10.06
C CYS C 27 1.81 -2.68 11.18
N PRO C 28 3.07 -2.82 11.59
CA PRO C 28 3.45 -3.74 12.67
C PRO C 28 2.85 -3.42 14.04
N GLU C 29 2.47 -2.17 14.28
CA GLU C 29 1.84 -1.78 15.55
C GLU C 29 0.33 -1.62 15.44
N GLY C 30 -0.26 -2.18 14.39
CA GLY C 30 -1.69 -2.06 14.21
C GLY C 30 -2.00 -0.63 13.81
N LEU C 31 -3.27 -0.23 13.87
CA LEU C 31 -3.57 1.13 13.49
C LEU C 31 -4.56 1.85 14.42
N ARG C 32 -4.72 3.16 14.20
CA ARG C 32 -5.64 3.99 14.98
C ARG C 32 -6.45 4.85 14.03
N LEU C 33 -7.76 4.73 14.09
CA LEU C 33 -8.60 5.56 13.25
C LEU C 33 -8.79 6.86 13.99
N VAL C 34 -8.25 7.95 13.45
CA VAL C 34 -8.37 9.26 14.08
C VAL C 34 -9.24 10.13 13.21
N GLY C 35 -9.59 11.31 13.71
CA GLY C 35 -10.44 12.18 12.93
C GLY C 35 -10.02 13.63 12.88
N SER C 36 -8.78 13.91 13.26
CA SER C 36 -8.30 15.28 13.25
C SER C 36 -6.78 15.31 13.12
N GLU C 37 -6.21 16.48 13.37
CA GLU C 37 -4.77 16.69 13.29
C GLU C 37 -4.18 16.31 11.93
N VAL C 38 -0.74 13.05 11.92
CA VAL C 38 -2.11 13.53 12.00
C VAL C 38 -2.66 13.33 13.40
N GLY C 39 -1.90 13.82 14.39
CA GLY C 39 -2.30 13.68 15.77
C GLY C 39 -1.09 13.47 16.68
N ASP C 40 -1.25 13.75 17.97
CA ASP C 40 -0.17 13.58 18.93
C ASP C 40 0.49 12.20 18.76
N ARG C 41 1.81 12.15 18.91
CA ARG C 41 2.55 10.90 18.72
C ARG C 41 2.76 10.02 19.95
N THR C 42 2.34 10.49 21.11
CA THR C 42 2.52 9.67 22.32
C THR C 42 1.60 8.44 22.32
N LEU C 43 1.05 8.11 21.16
CA LEU C 43 0.17 6.95 21.03
C LEU C 43 0.72 5.96 20.01
N PRO C 44 0.55 4.65 20.26
CA PRO C 44 1.03 3.61 19.36
C PRO C 44 0.07 3.32 18.19
N GLY C 45 0.60 2.72 17.14
CA GLY C 45 -0.21 2.39 15.98
C GLY C 45 -0.21 3.45 14.89
N TRP C 46 -0.34 3.01 13.64
CA TRP C 46 -0.34 3.92 12.51
C TRP C 46 -1.68 4.65 12.45
N PRO C 47 -1.64 5.99 12.55
CA PRO C 47 -2.87 6.80 12.51
C PRO C 47 -3.46 6.86 11.12
N VAL C 48 -4.74 6.56 11.00
CA VAL C 48 -5.45 6.59 9.74
C VAL C 48 -6.52 7.65 9.92
N THR C 49 -6.42 8.71 9.12
CA THR C 49 -7.33 9.84 9.21
C THR C 49 -8.58 9.77 8.39
N LEU C 50 -9.73 9.74 9.05
CA LEU C 50 -11.01 9.71 8.34
C LEU C 50 -11.21 11.10 7.73
N PRO C 51 -11.57 11.16 6.45
CA PRO C 51 -11.78 12.42 5.75
C PRO C 51 -12.88 13.32 6.30
N ASP C 52 -12.70 14.62 6.07
CA ASP C 52 -13.66 15.64 6.47
C ASP C 52 -14.88 15.42 5.57
N PRO C 53 -16.08 15.41 6.15
CA PRO C 53 -17.30 15.20 5.38
C PRO C 53 -17.57 16.21 4.26
N GLY C 54 -16.82 17.31 4.24
CA GLY C 54 -17.03 18.31 3.21
C GLY C 54 -16.56 17.86 1.83
N MET C 55 -15.56 16.98 1.81
CA MET C 55 -14.97 16.47 0.57
C MET C 55 -15.90 15.62 -0.32
N SER C 56 -16.77 14.82 0.29
CA SER C 56 -17.63 13.96 -0.51
C SER C 56 -19.13 14.18 -0.34
N LEU C 57 -19.52 14.79 0.77
CA LEU C 57 -20.94 15.02 0.99
C LEU C 57 -21.34 16.41 0.54
N THR C 58 -22.63 16.57 0.24
CA THR C 58 -23.16 17.85 -0.20
C THR C 58 -24.14 18.38 0.85
N ASP C 59 -24.73 17.46 1.60
CA ASP C 59 -25.68 17.82 2.65
C ASP C 59 -24.92 18.55 3.76
N ARG C 60 -25.24 19.84 3.95
CA ARG C 60 -24.58 20.66 4.97
C ARG C 60 -24.92 20.24 6.41
N GLY C 61 -26.10 19.65 6.58
CA GLY C 61 -26.52 19.23 7.90
C GLY C 61 -25.74 18.00 8.34
N VAL C 62 -25.71 16.99 7.47
CA VAL C 62 -25.00 15.76 7.76
C VAL C 62 -23.53 16.08 8.02
N MET C 63 -22.97 17.00 7.24
CA MET C 63 -21.57 17.40 7.42
C MET C 63 -21.32 17.91 8.84
N SER C 64 -22.34 18.57 9.40
CA SER C 64 -22.26 19.13 10.75
C SER C 64 -22.10 18.03 11.81
N TYR C 65 -23.01 17.06 11.80
CA TYR C 65 -22.96 15.95 12.75
C TYR C 65 -21.69 15.12 12.63
N VAL C 66 -21.33 14.74 11.41
CA VAL C 66 -20.13 13.94 11.20
C VAL C 66 -18.91 14.64 11.76
N ARG C 67 -18.75 15.93 11.42
CA ARG C 67 -17.60 16.70 11.90
C ARG C 67 -17.48 16.60 13.42
N HIS C 68 -18.63 16.66 14.10
CA HIS C 68 -18.64 16.57 15.55
C HIS C 68 -18.16 15.19 16.00
N VAL C 69 -18.73 14.15 15.41
CA VAL C 69 -18.34 12.79 15.74
C VAL C 69 -16.83 12.68 15.53
N LEU C 70 -16.34 13.15 14.40
CA LEU C 70 -14.91 13.06 14.11
C LEU C 70 -13.99 13.79 15.08
N SER C 71 -14.44 14.90 15.65
CA SER C 71 -13.58 15.62 16.59
C SER C 71 -13.52 14.95 17.96
N CYS C 72 -14.52 14.11 18.26
CA CYS C 72 -14.56 13.39 19.54
C CYS C 72 -13.74 12.09 19.52
N LEU C 73 -13.11 11.77 18.39
CA LEU C 73 -12.33 10.55 18.28
C LEU C 73 -11.06 10.55 19.14
N GLY C 74 -10.54 11.74 19.41
CA GLY C 74 -9.34 11.84 20.24
C GLY C 74 -8.26 10.89 19.77
N GLY C 75 -7.78 10.05 20.67
CA GLY C 75 -6.74 9.09 20.31
C GLY C 75 -7.24 8.11 19.26
N GLY C 76 -8.54 8.10 19.01
CA GLY C 76 -9.10 7.23 18.00
C GLY C 76 -9.52 5.84 18.44
N LEU C 77 -9.65 4.97 17.45
CA LEU C 77 -10.03 3.58 17.68
C LEU C 77 -8.79 2.77 17.32
N ALA C 78 -8.13 2.20 18.32
CA ALA C 78 -6.94 1.39 18.10
C ALA C 78 -7.36 -0.04 17.79
N LEU C 79 -6.65 -0.66 16.85
CA LEU C 79 -6.93 -2.03 16.43
C LEU C 79 -5.59 -2.67 16.11
N TRP C 80 -5.37 -3.88 16.61
CA TRP C 80 -4.10 -4.53 16.35
C TRP C 80 -4.17 -6.01 16.71
N ARG C 81 -3.22 -6.77 16.16
CA ARG C 81 -3.17 -8.19 16.42
C ARG C 81 -2.09 -8.54 17.46
N ALA C 82 -2.37 -9.56 18.25
CA ALA C 82 -1.45 -10.04 19.27
C ALA C 82 -1.86 -11.48 19.55
N GLY C 83 -1.00 -12.43 19.17
CA GLY C 83 -1.35 -13.82 19.38
C GLY C 83 -2.39 -14.23 18.36
N GLN C 84 -3.40 -14.97 18.80
CA GLN C 84 -4.47 -15.45 17.94
C GLN C 84 -5.65 -14.48 17.90
N TRP C 85 -5.50 -13.35 18.59
CA TRP C 85 -6.58 -12.38 18.65
C TRP C 85 -6.33 -11.03 18.02
N LEU C 86 -7.44 -10.37 17.72
CA LEU C 86 -7.42 -9.04 17.17
C LEU C 86 -7.95 -8.22 18.37
N TRP C 87 -7.27 -7.13 18.71
CA TRP C 87 -7.68 -6.29 19.83
C TRP C 87 -8.11 -4.91 19.38
N ALA C 88 -9.04 -4.32 20.14
CA ALA C 88 -9.56 -3.01 19.84
C ALA C 88 -9.66 -2.23 21.13
N GLN C 89 -9.48 -0.92 21.06
CA GLN C 89 -9.60 -0.11 22.25
C GLN C 89 -10.04 1.28 21.83
N ARG C 90 -10.90 1.89 22.63
CA ARG C 90 -11.42 3.21 22.33
C ARG C 90 -10.66 4.25 23.15
N LEU C 91 -9.94 5.14 22.47
CA LEU C 91 -9.14 6.15 23.13
C LEU C 91 -9.77 7.55 23.21
N GLY C 92 -10.97 7.72 22.64
CA GLY C 92 -11.62 9.02 22.66
C GLY C 92 -12.91 9.11 23.46
N HIS C 93 -13.77 10.04 23.07
CA HIS C 93 -15.05 10.25 23.75
C HIS C 93 -16.23 9.61 23.04
N CYS C 94 -15.99 9.02 21.88
CA CYS C 94 -17.08 8.39 21.14
C CYS C 94 -17.27 6.92 21.41
N HIS C 95 -18.46 6.57 21.90
CA HIS C 95 -18.78 5.17 22.15
C HIS C 95 -18.72 4.49 20.79
N THR C 96 -18.19 3.27 20.76
CA THR C 96 -18.03 2.52 19.54
C THR C 96 -18.47 1.09 19.72
N TYR C 97 -19.31 0.60 18.81
CA TYR C 97 -19.80 -0.77 18.86
C TYR C 97 -19.31 -1.54 17.64
N TRP C 98 -19.07 -2.84 17.80
CA TRP C 98 -18.55 -3.64 16.72
C TRP C 98 -19.28 -4.94 16.52
N ALA C 99 -19.05 -5.55 15.37
CA ALA C 99 -19.62 -6.84 15.00
C ALA C 99 -18.82 -7.43 13.85
N VAL C 100 -18.64 -8.74 13.86
CA VAL C 100 -17.96 -9.43 12.78
C VAL C 100 -19.08 -9.86 11.84
N SER C 101 -18.98 -9.50 10.56
CA SER C 101 -20.03 -9.85 9.62
C SER C 101 -19.49 -10.16 8.22
N GLU C 102 -20.37 -10.10 7.22
CA GLU C 102 -20.01 -10.36 5.83
C GLU C 102 -19.35 -9.10 5.27
N GLU C 103 -18.79 -9.18 4.05
CA GLU C 103 -18.12 -8.03 3.44
C GLU C 103 -19.12 -6.88 3.37
N LEU C 104 -20.39 -7.24 3.14
CA LEU C 104 -21.42 -6.22 3.09
C LEU C 104 -22.35 -6.46 4.26
N LEU C 105 -22.36 -5.53 5.21
CA LEU C 105 -23.19 -5.64 6.40
C LEU C 105 -24.66 -5.75 6.02
N PRO C 106 -25.37 -6.73 6.59
CA PRO C 106 -26.79 -6.95 6.32
C PRO C 106 -27.59 -6.26 7.42
N ASN C 107 -28.81 -5.80 7.09
CA ASN C 107 -29.62 -5.12 8.10
C ASN C 107 -30.51 -6.06 8.91
N SER C 108 -29.91 -7.02 9.60
CA SER C 108 -30.64 -7.96 10.43
C SER C 108 -30.54 -7.51 11.88
N GLY C 109 -31.56 -6.79 12.35
CA GLY C 109 -31.58 -6.29 13.71
C GLY C 109 -31.25 -7.33 14.77
N HIS C 110 -29.95 -7.57 14.97
CA HIS C 110 -29.51 -8.55 15.95
C HIS C 110 -28.69 -7.92 17.07
N GLY C 111 -28.31 -6.66 16.89
CA GLY C 111 -27.51 -6.00 17.91
C GLY C 111 -26.04 -6.27 17.67
N PRO C 112 -25.15 -5.51 18.31
CA PRO C 112 -23.70 -5.66 18.17
C PRO C 112 -23.11 -6.85 18.93
N ASP C 113 -21.90 -7.23 18.58
CA ASP C 113 -21.23 -8.31 19.27
C ASP C 113 -20.71 -7.75 20.56
N GLY C 114 -20.58 -6.42 20.60
CA GLY C 114 -20.12 -5.77 21.82
C GLY C 114 -19.74 -4.32 21.64
N GLU C 115 -19.18 -3.73 22.69
CA GLU C 115 -18.73 -2.35 22.67
C GLU C 115 -17.23 -2.37 22.89
N VAL C 116 -16.51 -1.53 22.16
CA VAL C 116 -15.07 -1.44 22.28
C VAL C 116 -14.77 -0.81 23.63
N PRO C 117 -13.99 -1.49 24.49
CA PRO C 117 -13.63 -0.98 25.81
C PRO C 117 -12.76 0.26 25.73
N LYS C 118 -12.82 1.10 26.75
CA LYS C 118 -12.02 2.33 26.76
C LYS C 118 -10.79 2.27 27.68
N ASP C 119 -10.95 1.61 28.82
CA ASP C 119 -9.86 1.48 29.81
C ASP C 119 -8.82 0.43 29.47
N LYS C 120 -9.27 -0.73 29.02
CA LYS C 120 -8.36 -1.80 28.64
C LYS C 120 -8.77 -2.28 27.25
N GLU C 121 -7.86 -2.98 26.56
CA GLU C 121 -8.18 -3.47 25.22
C GLU C 121 -9.14 -4.64 25.33
N GLY C 122 -9.83 -4.93 24.24
CA GLY C 122 -10.78 -6.03 24.21
C GLY C 122 -10.64 -6.84 22.95
N GLY C 123 -10.83 -8.16 23.08
CA GLY C 123 -10.72 -9.03 21.93
C GLY C 123 -11.93 -8.90 21.03
N VAL C 124 -11.70 -8.72 19.73
CA VAL C 124 -12.82 -8.59 18.80
C VAL C 124 -12.85 -9.68 17.72
N PHE C 125 -11.78 -10.45 17.59
CA PHE C 125 -11.72 -11.51 16.58
C PHE C 125 -10.73 -12.60 16.97
N ASP C 126 -11.19 -13.85 16.91
CA ASP C 126 -10.36 -15.02 17.25
C ASP C 126 -10.01 -15.82 15.98
N LEU C 127 -8.72 -15.88 15.63
CA LEU C 127 -8.25 -16.60 14.46
C LEU C 127 -8.47 -18.11 14.56
N GLY C 128 -8.39 -18.65 15.79
CA GLY C 128 -8.59 -20.07 15.99
C GLY C 128 -9.89 -20.57 15.40
N PRO C 129 -11.04 -20.11 15.89
CA PRO C 129 -12.32 -20.57 15.34
C PRO C 129 -12.42 -20.33 13.83
N PHE C 130 -11.81 -19.25 13.35
CA PHE C 130 -11.84 -18.93 11.93
C PHE C 130 -11.19 -20.03 11.09
N ILE C 131 -10.05 -20.54 11.52
CA ILE C 131 -9.38 -21.59 10.76
C ILE C 131 -10.13 -22.91 10.86
N VAL C 132 -10.68 -23.21 12.03
CA VAL C 132 -11.44 -24.43 12.19
C VAL C 132 -12.58 -24.44 11.18
N ASP C 133 -13.25 -23.30 11.03
CA ASP C 133 -14.36 -23.16 10.10
C ASP C 133 -13.90 -23.08 8.63
N LEU C 134 -12.72 -22.51 8.40
CA LEU C 134 -12.21 -22.42 7.04
C LEU C 134 -11.97 -23.83 6.53
N ILE C 135 -11.34 -24.66 7.36
CA ILE C 135 -11.07 -26.04 6.99
C ILE C 135 -12.35 -26.83 6.69
N THR C 136 -13.40 -26.73 7.53
CA THR C 136 -14.63 -27.49 7.22
C THR C 136 -15.29 -26.92 5.98
N PHE C 137 -15.06 -25.64 5.73
CA PHE C 137 -15.64 -25.01 4.55
C PHE C 137 -15.05 -25.63 3.28
N THR C 138 -13.74 -25.94 3.32
CA THR C 138 -13.09 -26.57 2.16
C THR C 138 -13.62 -28.00 2.01
N GLU C 139 -14.15 -28.55 3.11
CA GLU C 139 -14.67 -29.91 3.11
C GLU C 139 -16.12 -29.99 2.66
N GLY C 140 -16.79 -28.83 2.51
CA GLY C 140 -18.16 -28.82 2.06
C GLY C 140 -19.24 -28.42 3.05
N SER C 141 -18.86 -27.84 4.19
CA SER C 141 -19.84 -27.41 5.21
C SER C 141 -20.82 -26.39 4.64
N GLY C 142 -20.40 -25.67 3.60
CA GLY C 142 -21.25 -24.67 2.99
C GLY C 142 -21.28 -23.32 3.70
N ARG C 143 -20.59 -23.21 4.84
CA ARG C 143 -20.55 -21.95 5.59
C ARG C 143 -19.17 -21.29 5.55
N SER C 144 -19.09 -20.19 4.82
CA SER C 144 -17.86 -19.44 4.69
C SER C 144 -17.63 -18.68 6.01
N PRO C 145 -16.44 -18.79 6.61
CA PRO C 145 -16.20 -18.08 7.87
C PRO C 145 -16.11 -16.57 7.65
N ARG C 146 -16.59 -15.79 8.62
CA ARG C 146 -16.59 -14.34 8.51
C ARG C 146 -15.34 -13.71 9.09
N TYR C 147 -14.89 -12.63 8.47
CA TYR C 147 -13.66 -11.95 8.90
C TYR C 147 -13.75 -10.43 8.88
N ALA C 148 -14.85 -9.89 8.37
CA ALA C 148 -15.01 -8.45 8.30
C ALA C 148 -15.51 -7.78 9.58
N LEU C 149 -14.75 -6.81 10.07
CA LEU C 149 -15.11 -6.05 11.27
C LEU C 149 -15.83 -4.77 10.93
N TRP C 150 -17.01 -4.57 11.51
CA TRP C 150 -17.76 -3.36 11.27
C TRP C 150 -17.89 -2.60 12.57
N PHE C 151 -17.63 -1.29 12.51
CA PHE C 151 -17.67 -0.41 13.69
C PHE C 151 -18.62 0.77 13.53
N CYS C 152 -19.49 0.97 14.52
CA CYS C 152 -20.40 2.10 14.53
C CYS C 152 -19.82 3.10 15.54
N VAL C 153 -19.40 4.25 15.02
CA VAL C 153 -18.76 5.30 15.82
C VAL C 153 -19.67 6.47 16.19
N GLY C 154 -19.81 6.70 17.50
CA GLY C 154 -20.61 7.83 17.98
C GLY C 154 -22.09 7.61 18.22
N GLU C 155 -22.61 6.46 17.79
CA GLU C 155 -24.02 6.19 17.98
C GLU C 155 -24.21 4.76 18.41
N SER C 156 -25.39 4.47 18.93
CA SER C 156 -25.69 3.11 19.33
C SER C 156 -25.65 2.28 18.04
N TRP C 157 -25.57 0.95 18.18
CA TRP C 157 -25.55 0.06 17.02
C TRP C 157 -26.92 0.07 16.32
N PRO C 158 -26.93 0.15 14.97
CA PRO C 158 -28.19 0.17 14.21
C PRO C 158 -28.93 -1.15 14.23
N GLN C 159 -29.77 -1.33 15.23
CA GLN C 159 -30.54 -2.55 15.37
C GLN C 159 -31.85 -2.50 14.59
N ASP C 160 -32.69 -1.52 14.91
CA ASP C 160 -33.98 -1.36 14.23
C ASP C 160 -33.87 -0.61 12.89
N GLN C 161 -32.89 0.28 12.80
CA GLN C 161 -32.68 1.08 11.60
C GLN C 161 -31.55 0.54 10.72
N PRO C 162 -31.60 0.83 9.42
CA PRO C 162 -30.56 0.36 8.50
C PRO C 162 -29.25 1.08 8.85
N TRP C 163 -28.11 0.43 8.65
CA TRP C 163 -26.82 1.02 8.99
C TRP C 163 -26.42 2.21 8.13
N THR C 164 -26.97 2.29 6.92
CA THR C 164 -26.66 3.39 6.01
C THR C 164 -27.16 4.75 6.52
N LYS C 165 -27.94 4.72 7.60
CA LYS C 165 -28.45 5.96 8.18
C LYS C 165 -27.53 6.45 9.30
N ARG C 166 -26.61 5.59 9.74
CA ARG C 166 -25.67 5.97 10.78
C ARG C 166 -24.67 6.99 10.24
N LEU C 167 -24.27 7.94 11.07
CA LEU C 167 -23.35 8.97 10.65
C LEU C 167 -22.00 8.40 10.22
N VAL C 168 -21.37 7.59 11.07
CA VAL C 168 -20.05 7.01 10.73
C VAL C 168 -19.92 5.49 10.94
N MET C 169 -19.85 4.76 9.83
CA MET C 169 -19.68 3.30 9.88
C MET C 169 -18.34 2.96 9.27
N VAL C 170 -17.54 2.16 9.97
CA VAL C 170 -16.23 1.77 9.44
C VAL C 170 -16.16 0.26 9.26
N LYS C 171 -15.60 -0.14 8.13
CA LYS C 171 -15.43 -1.56 7.80
C LYS C 171 -13.94 -1.84 7.77
N VAL C 172 -13.51 -2.84 8.54
CA VAL C 172 -12.10 -3.21 8.60
C VAL C 172 -11.89 -4.68 8.24
N VAL C 173 -11.07 -4.92 7.22
CA VAL C 173 -10.82 -6.28 6.77
C VAL C 173 -9.37 -6.73 6.78
N PRO C 174 -9.07 -7.86 7.45
CA PRO C 174 -7.70 -8.40 7.49
C PRO C 174 -7.55 -9.10 6.13
N THR C 175 -6.89 -8.47 5.17
CA THR C 175 -6.77 -9.03 3.82
C THR C 175 -6.21 -10.44 3.64
N CYS C 176 -5.36 -10.92 4.54
CA CYS C 176 -4.89 -12.29 4.39
C CYS C 176 -6.06 -13.24 4.62
N LEU C 177 -6.97 -12.89 5.53
CA LEU C 177 -8.12 -13.75 5.79
C LEU C 177 -9.09 -13.72 4.61
N ARG C 178 -9.23 -12.57 3.98
CA ARG C 178 -10.10 -12.49 2.83
C ARG C 178 -9.56 -13.44 1.76
N ALA C 179 -8.24 -13.39 1.55
CA ALA C 179 -7.57 -14.24 0.58
C ALA C 179 -7.71 -15.73 0.88
N LEU C 180 -7.51 -16.14 2.14
CA LEU C 180 -7.66 -17.55 2.49
C LEU C 180 -9.09 -18.04 2.13
N VAL C 181 -10.09 -17.22 2.41
CA VAL C 181 -11.47 -17.61 2.09
C VAL C 181 -11.69 -17.69 0.57
N GLU C 182 -11.06 -16.79 -0.20
CA GLU C 182 -11.20 -16.85 -1.65
C GLU C 182 -10.49 -18.07 -2.20
N MET C 183 -9.32 -18.40 -1.65
CA MET C 183 -8.58 -19.57 -2.11
C MET C 183 -9.43 -20.81 -1.85
N ALA C 184 -10.09 -20.87 -0.70
CA ALA C 184 -10.93 -22.04 -0.40
C ALA C 184 -12.11 -22.06 -1.36
N ARG C 185 -12.69 -20.89 -1.60
CA ARG C 185 -13.83 -20.79 -2.49
C ARG C 185 -13.51 -21.21 -3.91
N VAL C 186 -12.44 -20.69 -4.46
CA VAL C 186 -12.02 -21.01 -5.81
C VAL C 186 -11.53 -22.46 -5.91
N GLY C 187 -11.22 -23.06 -4.75
CA GLY C 187 -10.76 -24.44 -4.76
C GLY C 187 -11.93 -25.40 -4.81
N GLY C 188 -13.11 -24.87 -5.11
CA GLY C 188 -14.30 -25.71 -5.20
C GLY C 188 -15.11 -25.72 -3.93
N ALA C 189 -15.63 -24.57 -3.51
CA ALA C 189 -16.44 -24.45 -2.30
C ALA C 189 -17.58 -23.46 -2.52
N SER C 190 -18.76 -23.78 -1.98
CA SER C 190 -19.94 -22.92 -2.13
C SER C 190 -20.74 -22.74 -0.83
N SER C 191 -21.62 -21.74 -0.83
CA SER C 191 -22.45 -21.44 0.34
C SER C 191 -23.92 -21.82 0.12
N SER D 1 6.07 -24.29 -4.90
CA SER D 1 5.23 -24.64 -6.09
C SER D 1 3.79 -25.02 -5.70
N ALA D 2 3.63 -25.57 -4.50
CA ALA D 2 2.32 -25.93 -3.99
C ALA D 2 1.71 -24.64 -3.45
N LEU D 3 2.57 -23.81 -2.86
CA LEU D 3 2.16 -22.51 -2.32
C LEU D 3 1.90 -21.55 -3.47
N GLN D 4 2.73 -21.62 -4.51
CA GLN D 4 2.56 -20.78 -5.69
C GLN D 4 1.22 -21.08 -6.35
N ASP D 5 0.80 -22.34 -6.34
CA ASP D 5 -0.46 -22.72 -6.96
C ASP D 5 -1.65 -22.12 -6.22
N LEU D 6 -1.58 -22.12 -4.89
CA LEU D 6 -2.65 -21.54 -4.08
C LEU D 6 -2.73 -20.03 -4.34
N LEU D 7 -1.59 -19.36 -4.28
CA LEU D 7 -1.52 -17.92 -4.49
C LEU D 7 -2.03 -17.50 -5.87
N ARG D 8 -1.58 -18.22 -6.91
CA ARG D 8 -2.01 -17.90 -8.27
C ARG D 8 -3.51 -17.99 -8.41
N THR D 9 -4.13 -18.76 -7.52
CA THR D 9 -5.58 -18.93 -7.50
C THR D 9 -6.28 -17.64 -7.10
N LEU D 10 -5.51 -16.71 -6.55
CA LEU D 10 -6.05 -15.42 -6.12
C LEU D 10 -6.51 -14.62 -7.35
N LYS D 11 -7.79 -14.73 -7.67
CA LYS D 11 -8.36 -14.02 -8.81
C LYS D 11 -8.78 -12.63 -8.37
N SER D 12 -7.87 -11.95 -7.69
CA SER D 12 -8.14 -10.61 -7.20
C SER D 12 -6.84 -9.92 -6.82
N PRO D 13 -6.82 -8.58 -6.91
CA PRO D 13 -5.62 -7.81 -6.57
C PRO D 13 -5.12 -8.11 -5.15
N SER D 14 -3.90 -7.70 -4.85
CA SER D 14 -3.29 -7.94 -3.54
C SER D 14 -2.02 -7.12 -3.36
N SER D 15 -1.14 -7.58 -2.48
CA SER D 15 0.11 -6.89 -2.21
C SER D 15 1.15 -7.87 -1.67
N PRO D 16 2.43 -7.50 -1.74
CA PRO D 16 3.45 -8.42 -1.23
C PRO D 16 3.20 -8.69 0.26
N GLN D 17 2.65 -7.72 0.98
CA GLN D 17 2.40 -7.87 2.41
C GLN D 17 1.30 -8.89 2.70
N GLN D 18 0.17 -8.77 2.01
CA GLN D 18 -0.94 -9.69 2.20
C GLN D 18 -0.50 -11.11 1.86
N GLN D 19 0.27 -11.23 0.79
CA GLN D 19 0.74 -12.52 0.34
C GLN D 19 1.66 -13.17 1.37
N GLN D 20 2.58 -12.39 1.91
CA GLN D 20 3.50 -12.92 2.91
C GLN D 20 2.76 -13.35 4.18
N GLN D 21 1.67 -12.64 4.50
CA GLN D 21 0.89 -12.95 5.69
C GLN D 21 0.04 -14.21 5.51
N VAL D 22 -0.35 -14.51 4.28
CA VAL D 22 -1.13 -15.72 4.05
C VAL D 22 -0.20 -16.92 4.21
N LEU D 23 1.03 -16.76 3.75
CA LEU D 23 2.01 -17.83 3.87
C LEU D 23 2.35 -18.11 5.34
N ASN D 24 2.41 -17.05 6.15
CA ASN D 24 2.70 -17.21 7.57
C ASN D 24 1.59 -18.00 8.28
N ILE D 25 0.33 -17.70 7.95
CA ILE D 25 -0.78 -18.40 8.58
C ILE D 25 -0.72 -19.86 8.15
N LEU D 26 -0.31 -20.10 6.91
CA LEU D 26 -0.24 -21.47 6.42
C LEU D 26 0.91 -22.28 7.02
N LYS D 27 2.07 -21.67 7.23
CA LYS D 27 3.16 -22.45 7.81
C LYS D 27 2.99 -22.67 9.31
N SER D 28 2.07 -21.95 9.94
CA SER D 28 1.84 -22.17 11.36
C SER D 28 0.53 -22.95 11.59
N ASN D 29 -0.12 -23.33 10.49
CA ASN D 29 -1.36 -24.10 10.53
C ASN D 29 -1.28 -25.21 9.47
N PRO D 30 -0.33 -26.15 9.65
CA PRO D 30 -0.18 -27.25 8.69
C PRO D 30 -1.48 -28.03 8.44
N GLN D 31 -2.38 -28.04 9.42
CA GLN D 31 -3.63 -28.75 9.23
C GLN D 31 -4.45 -28.02 8.15
N LEU D 32 -4.25 -26.70 8.02
CA LEU D 32 -4.98 -25.91 7.03
C LEU D 32 -4.41 -26.20 5.65
N MET D 33 -3.09 -26.22 5.57
CA MET D 33 -2.39 -26.50 4.31
C MET D 33 -2.80 -27.90 3.85
N ALA D 34 -3.05 -28.78 4.81
CA ALA D 34 -3.46 -30.15 4.52
C ALA D 34 -4.84 -30.13 3.89
N ALA D 35 -5.74 -29.36 4.49
CA ALA D 35 -7.11 -29.25 3.97
C ALA D 35 -7.09 -28.71 2.53
N PHE D 36 -6.26 -27.70 2.25
CA PHE D 36 -6.18 -27.16 0.90
C PHE D 36 -5.65 -28.22 -0.07
N ILE D 37 -4.63 -28.97 0.33
CA ILE D 37 -4.09 -30.00 -0.55
C ILE D 37 -5.10 -31.10 -0.81
N LYS D 38 -5.83 -31.52 0.22
CA LYS D 38 -6.84 -32.56 0.04
C LYS D 38 -8.00 -32.07 -0.83
N GLN D 39 -8.46 -30.85 -0.59
CA GLN D 39 -9.59 -30.29 -1.34
C GLN D 39 -9.28 -30.22 -2.85
N ARG D 40 -8.01 -30.00 -3.17
CA ARG D 40 -7.57 -29.88 -4.56
C ARG D 40 -7.94 -31.08 -5.44
N THR D 41 -8.02 -32.27 -4.84
CA THR D 41 -8.35 -33.47 -5.61
C THR D 41 -9.49 -34.29 -5.00
N ALA D 42 -10.28 -33.66 -4.14
CA ALA D 42 -11.37 -34.34 -3.46
C ALA D 42 -12.52 -34.67 -4.39
N LYS D 43 -12.81 -33.79 -5.34
CA LYS D 43 -13.90 -34.02 -6.29
C LYS D 43 -13.72 -35.30 -7.10
N TYR D 44 -14.76 -36.13 -7.15
CA TYR D 44 -14.74 -37.38 -7.91
C TYR D 44 -16.15 -37.76 -8.36
N VAL D 45 -16.26 -38.53 -9.44
CA VAL D 45 -17.56 -38.94 -9.96
C VAL D 45 -18.11 -40.13 -9.17
N ALA D 46 -19.07 -39.85 -8.29
CA ALA D 46 -19.69 -40.88 -7.45
C ALA D 46 -20.85 -41.57 -8.14
N ASN D 47 -21.40 -42.58 -7.47
CA ASN D 47 -22.54 -43.34 -7.98
C ASN D 47 -22.37 -43.74 -9.44
#